data_8B28
#
_entry.id   8B28
#
_cell.length_a   144.549
_cell.length_b   65.077
_cell.length_c   45.454
_cell.angle_alpha   90.000
_cell.angle_beta   105.480
_cell.angle_gamma   90.000
#
_symmetry.space_group_name_H-M   'C 1 2 1'
#
loop_
_entity.id
_entity.type
_entity.pdbx_description
1 polymer 'Enhanced disease susceptibility 1'
2 non-polymer 1,2-ETHANEDIOL
3 water water
#
_entity_poly.entity_id   1
_entity_poly.type   'polypeptide(L)'
_entity_poly.pdbx_seq_one_letter_code
;MKHHHHHHPMSDYDIPTTENLYFQGAMGETLGNRIRLSEEIVNRAASQAMRAHNSAGRPFLLDKTRGFAIFAFAGSWLSD
DWFTHPPFGETKMDASTFPSLRSVGNDEVAVVNASFLRRFKAILDQLPLEREVQKVIADRRQVVFTGHSWGGAMAILATL
YFLEKAGPNQNPPRCITFGSPLVGDRIFGHAVRREKWSDHFIHFVMRFDVIPRIMLGPASTEHQQILNFFNPRSQFYREP
LDPPLGFYLNVMRSASSVAIHDACILMGCTNPLLETLRNFTELSPYRPFGTYIFCTGNGKLVVLKNPDAVLQILFYCAQL
SQEEAAEIAQRSLHEHLAYENELQESLGMQNVVYLDSLEDLPLSSNGGPATVNIALNDLGLVSFLSCS
;
_entity_poly.pdbx_strand_id   A
#
loop_
_chem_comp.id
_chem_comp.type
_chem_comp.name
_chem_comp.formula
EDO non-polymer 1,2-ETHANEDIOL 'C2 H6 O2'
#
# COMPACT_ATOMS: atom_id res chain seq x y z
N MET A 27 14.75 -5.51 -23.10
CA MET A 27 14.98 -6.69 -23.93
C MET A 27 14.97 -7.96 -23.09
N GLY A 28 14.64 -9.09 -23.74
CA GLY A 28 14.59 -10.34 -23.02
C GLY A 28 13.45 -10.37 -22.01
N GLU A 29 13.57 -11.29 -21.06
CA GLU A 29 12.57 -11.45 -20.00
C GLU A 29 13.00 -10.63 -18.79
N THR A 30 12.30 -9.53 -18.53
CA THR A 30 12.54 -8.70 -17.37
C THR A 30 11.22 -8.42 -16.65
N LEU A 31 11.35 -7.99 -15.39
CA LEU A 31 10.17 -7.57 -14.65
C LEU A 31 9.53 -6.35 -15.29
N GLY A 32 10.36 -5.41 -15.77
CA GLY A 32 9.82 -4.21 -16.40
C GLY A 32 8.93 -4.50 -17.59
N ASN A 33 9.23 -5.57 -18.35
CA ASN A 33 8.35 -5.97 -19.43
C ASN A 33 7.03 -6.52 -18.89
N ARG A 34 7.07 -7.24 -17.77
CA ARG A 34 5.87 -7.87 -17.27
C ARG A 34 4.90 -6.86 -16.66
N ILE A 35 5.42 -5.85 -15.97
CA ILE A 35 4.57 -4.82 -15.36
C ILE A 35 4.44 -3.58 -16.22
N ARG A 36 5.11 -3.54 -17.38
CA ARG A 36 5.04 -2.42 -18.31
C ARG A 36 5.47 -1.12 -17.66
N LEU A 37 6.45 -1.20 -16.76
CA LEU A 37 7.11 -0.05 -16.17
C LEU A 37 8.60 -0.34 -16.14
N SER A 38 9.40 0.52 -16.77
CA SER A 38 10.83 0.25 -16.86
C SER A 38 11.45 0.19 -15.46
N GLU A 39 12.56 -0.55 -15.36
CA GLU A 39 13.31 -0.60 -14.11
C GLU A 39 13.80 0.80 -13.72
N GLU A 40 14.18 1.61 -14.70
CA GLU A 40 14.67 2.95 -14.40
C GLU A 40 13.60 3.78 -13.68
N ILE A 41 12.34 3.67 -14.11
CA ILE A 41 11.30 4.51 -13.52
C ILE A 41 10.85 3.97 -12.15
N VAL A 42 10.92 2.65 -11.94
CA VAL A 42 10.61 2.11 -10.63
C VAL A 42 11.64 2.57 -9.61
N ASN A 43 12.94 2.53 -9.96
CA ASN A 43 13.97 3.04 -9.08
C ASN A 43 13.81 4.54 -8.86
N ARG A 44 13.48 5.28 -9.92
CA ARG A 44 13.20 6.70 -9.80
C ARG A 44 12.05 6.95 -8.84
N ALA A 45 10.99 6.15 -8.95
CA ALA A 45 9.83 6.31 -8.07
C ALA A 45 10.20 6.05 -6.62
N ALA A 46 11.02 5.03 -6.37
CA ALA A 46 11.46 4.75 -5.00
C ALA A 46 12.25 5.92 -4.43
N SER A 47 13.15 6.51 -5.22
CA SER A 47 13.93 7.64 -4.74
C SER A 47 13.06 8.86 -4.48
N GLN A 48 12.12 9.15 -5.38
CA GLN A 48 11.23 10.28 -5.18
C GLN A 48 10.30 10.07 -4.00
N ALA A 49 9.87 8.82 -3.77
CA ALA A 49 8.96 8.55 -2.66
C ALA A 49 9.63 8.85 -1.31
N MET A 50 10.91 8.52 -1.17
CA MET A 50 11.61 8.80 0.08
C MET A 50 11.92 10.28 0.22
N ARG A 51 12.18 10.99 -0.89
CA ARG A 51 12.42 12.42 -0.85
C ARG A 51 11.16 13.21 -0.53
N ALA A 52 9.98 12.65 -0.79
CA ALA A 52 8.74 13.41 -0.58
C ALA A 52 8.45 13.63 0.89
N HIS A 53 8.90 12.72 1.75
CA HIS A 53 8.59 12.81 3.17
C HIS A 53 9.13 14.09 3.78
N ASN A 54 8.34 14.69 4.67
CA ASN A 54 8.75 15.83 5.50
C ASN A 54 9.43 16.91 4.67
N SER A 55 8.74 17.32 3.60
CA SER A 55 9.30 18.26 2.63
C SER A 55 8.53 19.58 2.78
N ALA A 56 8.88 20.34 3.82
CA ALA A 56 8.34 21.68 4.03
C ALA A 56 6.82 21.70 4.04
N GLY A 57 6.22 20.64 4.58
CA GLY A 57 4.78 20.57 4.71
C GLY A 57 4.01 20.24 3.45
N ARG A 58 4.69 20.05 2.32
CA ARG A 58 3.97 19.83 1.08
C ARG A 58 3.51 18.37 0.97
N PRO A 59 2.27 18.14 0.52
CA PRO A 59 1.76 16.76 0.46
C PRO A 59 2.31 15.94 -0.70
N PHE A 60 2.82 16.57 -1.76
CA PHE A 60 3.41 15.82 -2.86
C PHE A 60 4.46 16.68 -3.55
N LEU A 61 5.33 16.00 -4.30
CA LEU A 61 6.23 16.65 -5.23
C LEU A 61 6.02 16.07 -6.62
N LEU A 62 6.40 16.84 -7.64
CA LEU A 62 6.32 16.43 -9.02
C LEU A 62 7.73 16.33 -9.58
N ASP A 63 8.08 15.16 -10.12
CA ASP A 63 9.38 14.93 -10.74
C ASP A 63 9.18 14.65 -12.22
N LYS A 64 9.81 15.46 -13.06
CA LYS A 64 9.70 15.30 -14.51
C LYS A 64 11.01 14.76 -15.07
N THR A 65 10.92 13.66 -15.80
CA THR A 65 12.00 13.12 -16.61
C THR A 65 11.44 12.83 -17.99
N ARG A 66 12.33 12.47 -18.93
CA ARG A 66 11.92 12.24 -20.30
C ARG A 66 10.75 11.26 -20.40
N GLY A 67 9.60 11.76 -20.84
CA GLY A 67 8.43 10.92 -21.05
C GLY A 67 7.63 10.57 -19.81
N PHE A 68 7.95 11.14 -18.66
CA PHE A 68 7.30 10.72 -17.41
C PHE A 68 7.02 11.90 -16.51
N ALA A 69 6.01 11.74 -15.66
CA ALA A 69 5.72 12.66 -14.57
C ALA A 69 5.42 11.81 -13.34
N ILE A 70 6.29 11.90 -12.33
CA ILE A 70 6.10 11.16 -11.08
C ILE A 70 5.56 12.12 -10.03
N PHE A 71 4.37 11.84 -9.53
CA PHE A 71 3.83 12.52 -8.36
C PHE A 71 4.07 11.64 -7.15
N ALA A 72 4.94 12.10 -6.25
CA ALA A 72 5.29 11.36 -5.04
C ALA A 72 4.65 12.03 -3.84
N PHE A 73 3.93 11.26 -3.04
CA PHE A 73 3.17 11.79 -1.90
C PHE A 73 3.90 11.54 -0.60
N ALA A 74 3.98 12.58 0.23
CA ALA A 74 4.61 12.47 1.54
C ALA A 74 3.76 11.61 2.47
N GLY A 75 4.43 10.88 3.34
CA GLY A 75 3.73 10.15 4.37
C GLY A 75 3.38 11.02 5.56
N SER A 76 2.43 10.53 6.35
CA SER A 76 2.07 11.16 7.61
C SER A 76 2.31 10.18 8.74
N TRP A 77 2.91 10.65 9.83
CA TRP A 77 3.13 9.82 11.00
C TRP A 77 2.35 10.35 12.20
N LEU A 78 1.18 10.93 11.92
CA LEU A 78 0.20 11.29 12.93
C LEU A 78 -0.88 10.22 12.96
N SER A 79 -1.19 9.73 14.16
CA SER A 79 -2.13 8.62 14.29
C SER A 79 -3.52 8.99 13.77
N ASP A 80 -3.93 10.25 13.96
CA ASP A 80 -5.24 10.69 13.47
C ASP A 80 -5.33 10.57 11.95
N ASP A 81 -4.21 10.60 11.24
CA ASP A 81 -4.21 10.40 9.81
C ASP A 81 -4.30 8.94 9.42
N TRP A 82 -4.25 8.01 10.38
CA TRP A 82 -4.41 6.59 10.13
C TRP A 82 -5.75 6.04 10.59
N PHE A 83 -6.28 6.51 11.72
CA PHE A 83 -7.54 6.05 12.28
C PHE A 83 -8.38 7.25 12.69
N THR A 84 -9.51 7.46 12.00
CA THR A 84 -10.47 8.45 12.50
C THR A 84 -11.08 8.00 13.81
N HIS A 85 -11.33 6.69 13.95
CA HIS A 85 -11.94 6.12 15.13
C HIS A 85 -11.47 4.69 15.24
N PRO A 86 -11.22 4.18 16.44
CA PRO A 86 -10.87 2.77 16.60
C PRO A 86 -12.10 1.89 16.48
N PRO A 87 -11.93 0.59 16.20
CA PRO A 87 -10.66 -0.11 15.97
C PRO A 87 -10.09 -0.01 14.55
N PHE A 88 -10.88 0.27 13.51
CA PHE A 88 -10.36 0.19 12.14
C PHE A 88 -10.48 1.46 11.32
N GLY A 89 -11.21 2.47 11.79
CA GLY A 89 -11.25 3.74 11.10
C GLY A 89 -11.78 3.70 9.68
N GLU A 90 -12.72 2.80 9.40
CA GLU A 90 -13.27 2.59 8.07
C GLU A 90 -14.55 3.38 7.85
N THR A 91 -14.84 3.64 6.58
CA THR A 91 -16.08 4.33 6.18
C THR A 91 -16.45 3.87 4.78
N LYS A 92 -17.60 4.34 4.30
CA LYS A 92 -18.03 4.02 2.95
C LYS A 92 -17.19 4.79 1.94
N MET A 93 -16.79 4.11 0.86
CA MET A 93 -16.06 4.76 -0.22
C MET A 93 -16.96 5.79 -0.90
N ASP A 94 -16.43 6.99 -1.13
CA ASP A 94 -17.25 8.09 -1.63
C ASP A 94 -17.82 7.77 -3.00
N ALA A 95 -19.13 7.52 -3.05
CA ALA A 95 -19.77 7.08 -4.29
C ALA A 95 -19.81 8.19 -5.33
N SER A 96 -19.78 9.45 -4.91
CA SER A 96 -19.74 10.55 -5.87
C SER A 96 -18.37 10.68 -6.52
N THR A 97 -17.31 10.53 -5.73
CA THR A 97 -15.96 10.76 -6.24
C THR A 97 -15.41 9.57 -7.01
N PHE A 98 -15.81 8.35 -6.64
CA PHE A 98 -15.36 7.13 -7.32
C PHE A 98 -16.57 6.31 -7.75
N PRO A 99 -17.27 6.76 -8.79
CA PRO A 99 -18.52 6.08 -9.17
C PRO A 99 -18.32 4.66 -9.66
N SER A 100 -17.18 4.35 -10.28
CA SER A 100 -16.98 3.01 -10.82
C SER A 100 -16.75 1.97 -9.75
N LEU A 101 -16.43 2.38 -8.53
CA LEU A 101 -16.23 1.47 -7.43
C LEU A 101 -17.51 1.21 -6.64
N ARG A 102 -18.65 1.63 -7.16
CA ARG A 102 -19.92 1.46 -6.46
C ARG A 102 -20.44 0.04 -6.63
N SER A 103 -21.20 -0.41 -5.64
CA SER A 103 -21.81 -1.73 -5.68
C SER A 103 -23.12 -1.67 -6.46
N VAL A 104 -23.37 -2.71 -7.25
CA VAL A 104 -24.57 -2.74 -8.09
C VAL A 104 -25.81 -2.76 -7.20
N GLY A 105 -26.68 -1.77 -7.40
CA GLY A 105 -27.92 -1.72 -6.64
C GLY A 105 -27.68 -1.59 -5.15
N ASN A 106 -28.44 -2.35 -4.37
CA ASN A 106 -28.35 -2.33 -2.92
C ASN A 106 -27.35 -3.35 -2.37
N ASP A 107 -26.31 -3.68 -3.13
CA ASP A 107 -25.26 -4.53 -2.60
C ASP A 107 -24.43 -3.77 -1.58
N GLU A 108 -23.70 -4.52 -0.75
CA GLU A 108 -22.83 -3.92 0.24
C GLU A 108 -21.83 -2.99 -0.43
N VAL A 109 -21.65 -1.80 0.16
CA VAL A 109 -20.88 -0.75 -0.47
C VAL A 109 -19.39 -0.95 -0.17
N ALA A 110 -18.55 -0.42 -1.06
CA ALA A 110 -17.10 -0.50 -0.87
C ALA A 110 -16.68 0.33 0.34
N VAL A 111 -15.68 -0.18 1.06
CA VAL A 111 -15.26 0.38 2.34
C VAL A 111 -13.80 0.81 2.20
N VAL A 112 -13.48 1.99 2.76
CA VAL A 112 -12.15 2.59 2.66
C VAL A 112 -11.75 3.13 4.02
N ASN A 113 -10.45 3.28 4.22
CA ASN A 113 -9.94 4.00 5.40
C ASN A 113 -10.40 5.45 5.35
N ALA A 114 -11.08 5.89 6.41
CA ALA A 114 -11.72 7.20 6.40
C ALA A 114 -10.69 8.32 6.40
N SER A 115 -9.64 8.19 7.21
CA SER A 115 -8.58 9.19 7.24
C SER A 115 -7.89 9.30 5.88
N PHE A 116 -7.57 8.16 5.26
CA PHE A 116 -6.93 8.18 3.95
C PHE A 116 -7.76 8.96 2.94
N LEU A 117 -9.07 8.66 2.88
CA LEU A 117 -9.95 9.32 1.93
C LEU A 117 -10.06 10.81 2.24
N ARG A 118 -10.26 11.14 3.52
CA ARG A 118 -10.37 12.53 3.94
C ARG A 118 -9.13 13.32 3.53
N ARG A 119 -7.94 12.75 3.76
CA ARG A 119 -6.71 13.47 3.44
C ARG A 119 -6.52 13.61 1.93
N PHE A 120 -6.82 12.56 1.16
CA PHE A 120 -6.69 12.69 -0.29
C PHE A 120 -7.65 13.73 -0.85
N LYS A 121 -8.91 13.73 -0.37
CA LYS A 121 -9.85 14.75 -0.81
C LYS A 121 -9.34 16.15 -0.52
N ALA A 122 -8.68 16.33 0.63
CA ALA A 122 -8.16 17.65 0.98
C ALA A 122 -7.06 18.08 0.00
N ILE A 123 -6.25 17.14 -0.48
CA ILE A 123 -5.23 17.47 -1.47
C ILE A 123 -5.89 18.00 -2.74
N LEU A 124 -6.93 17.32 -3.21
CA LEU A 124 -7.63 17.75 -4.42
C LEU A 124 -8.26 19.13 -4.23
N ASP A 125 -8.87 19.36 -3.07
CA ASP A 125 -9.62 20.60 -2.85
C ASP A 125 -8.70 21.79 -2.67
N GLN A 126 -7.57 21.59 -2.00
CA GLN A 126 -6.69 22.69 -1.62
C GLN A 126 -5.55 22.94 -2.60
N LEU A 127 -5.17 21.93 -3.40
CA LEU A 127 -4.05 22.08 -4.30
C LEU A 127 -4.46 21.75 -5.74
N PRO A 128 -3.80 22.37 -6.73
CA PRO A 128 -4.15 22.16 -8.14
C PRO A 128 -3.60 20.84 -8.70
N LEU A 129 -3.88 19.74 -8.00
CA LEU A 129 -3.36 18.44 -8.44
C LEU A 129 -3.96 18.03 -9.77
N GLU A 130 -5.28 18.15 -9.92
CA GLU A 130 -5.91 17.71 -11.15
C GLU A 130 -5.41 18.51 -12.36
N ARG A 131 -5.24 19.82 -12.19
CA ARG A 131 -4.74 20.63 -13.30
C ARG A 131 -3.32 20.23 -13.67
N GLU A 132 -2.47 19.98 -12.67
CA GLU A 132 -1.10 19.58 -12.95
C GLU A 132 -1.04 18.20 -13.62
N VAL A 133 -1.96 17.30 -13.27
CA VAL A 133 -2.03 16.01 -13.94
C VAL A 133 -2.44 16.19 -15.40
N GLN A 134 -3.47 17.01 -15.66
CA GLN A 134 -3.87 17.27 -17.05
C GLN A 134 -2.73 17.90 -17.84
N LYS A 135 -1.93 18.76 -17.19
CA LYS A 135 -0.84 19.44 -17.88
C LYS A 135 0.23 18.46 -18.34
N VAL A 136 0.65 17.54 -17.47
CA VAL A 136 1.71 16.61 -17.87
C VAL A 136 1.20 15.61 -18.90
N ILE A 137 -0.08 15.23 -18.82
CA ILE A 137 -0.66 14.34 -19.83
C ILE A 137 -0.69 15.03 -21.18
N ALA A 138 -1.16 16.29 -21.21
CA ALA A 138 -1.11 17.07 -22.44
C ALA A 138 0.32 17.27 -22.90
N ASP A 139 1.29 17.15 -22.01
CA ASP A 139 2.71 17.25 -22.34
C ASP A 139 3.28 15.91 -22.80
N ARG A 140 2.43 14.92 -23.05
CA ARG A 140 2.84 13.60 -23.56
C ARG A 140 3.74 12.87 -22.56
N ARG A 141 3.44 13.02 -21.28
CA ARG A 141 4.16 12.34 -20.20
C ARG A 141 3.28 11.24 -19.60
N GLN A 142 3.87 10.07 -19.40
CA GLN A 142 3.20 9.03 -18.62
C GLN A 142 3.16 9.42 -17.16
N VAL A 143 1.99 9.30 -16.54
CA VAL A 143 1.81 9.68 -15.14
C VAL A 143 2.06 8.48 -14.24
N VAL A 144 2.88 8.68 -13.20
CA VAL A 144 3.09 7.68 -12.17
C VAL A 144 2.83 8.33 -10.82
N PHE A 145 1.87 7.79 -10.07
CA PHE A 145 1.67 8.17 -8.68
C PHE A 145 2.42 7.18 -7.79
N THR A 146 3.22 7.69 -6.86
CA THR A 146 4.01 6.81 -6.03
C THR A 146 4.01 7.31 -4.59
N GLY A 147 4.25 6.39 -3.68
CA GLY A 147 4.33 6.71 -2.27
C GLY A 147 4.93 5.60 -1.44
N HIS A 148 5.66 5.99 -0.40
CA HIS A 148 6.21 5.07 0.58
C HIS A 148 5.44 5.23 1.88
N SER A 149 5.19 4.12 2.56
CA SER A 149 4.45 4.13 3.83
C SER A 149 3.08 4.77 3.58
N TRP A 150 2.60 5.62 4.49
CA TRP A 150 1.32 6.31 4.32
C TRP A 150 1.20 7.00 2.97
N GLY A 151 2.31 7.51 2.42
CA GLY A 151 2.26 8.14 1.12
C GLY A 151 1.68 7.25 0.04
N GLY A 152 1.89 5.93 0.16
CA GLY A 152 1.33 5.00 -0.80
C GLY A 152 -0.19 5.01 -0.84
N ALA A 153 -0.84 5.29 0.29
CA ALA A 153 -2.29 5.40 0.31
C ALA A 153 -2.77 6.60 -0.51
N MET A 154 -2.07 7.73 -0.40
CA MET A 154 -2.39 8.86 -1.26
C MET A 154 -2.17 8.52 -2.73
N ALA A 155 -1.09 7.82 -3.03
CA ALA A 155 -0.83 7.43 -4.42
C ALA A 155 -1.93 6.52 -4.94
N ILE A 156 -2.41 5.59 -4.10
CA ILE A 156 -3.47 4.68 -4.53
C ILE A 156 -4.75 5.45 -4.82
N LEU A 157 -5.14 6.36 -3.92
CA LEU A 157 -6.39 7.10 -4.14
C LEU A 157 -6.28 8.05 -5.33
N ALA A 158 -5.10 8.65 -5.53
CA ALA A 158 -4.90 9.51 -6.68
C ALA A 158 -5.08 8.73 -7.98
N THR A 159 -4.52 7.52 -8.05
CA THR A 159 -4.62 6.70 -9.25
C THR A 159 -6.06 6.37 -9.57
N LEU A 160 -6.82 5.92 -8.56
CA LEU A 160 -8.23 5.60 -8.77
C LEU A 160 -9.01 6.83 -9.22
N TYR A 161 -8.75 7.99 -8.60
CA TYR A 161 -9.47 9.20 -8.98
C TYR A 161 -9.24 9.55 -10.44
N PHE A 162 -7.99 9.55 -10.88
CA PHE A 162 -7.73 9.93 -12.26
C PHE A 162 -8.08 8.84 -13.25
N LEU A 163 -8.14 7.58 -12.83
CA LEU A 163 -8.78 6.57 -13.67
C LEU A 163 -10.25 6.89 -13.88
N GLU A 164 -10.93 7.40 -12.84
CA GLU A 164 -12.35 7.71 -12.94
C GLU A 164 -12.63 8.86 -13.89
N LYS A 165 -11.75 9.85 -13.94
CA LYS A 165 -12.00 11.06 -14.71
C LYS A 165 -11.30 11.09 -16.06
N ALA A 166 -10.64 10.00 -16.46
CA ALA A 166 -9.79 10.02 -17.65
C ALA A 166 -10.60 10.23 -18.92
N GLY A 167 -10.04 11.00 -19.85
CA GLY A 167 -10.55 11.06 -21.19
C GLY A 167 -10.27 9.76 -21.95
N PRO A 168 -10.79 9.68 -23.18
CA PRO A 168 -10.78 8.38 -23.87
C PRO A 168 -9.42 7.94 -24.39
N ASN A 169 -8.56 8.87 -24.82
N ASN A 169 -8.56 8.88 -24.80
CA ASN A 169 -7.28 8.53 -25.42
CA ASN A 169 -7.28 8.54 -25.41
C ASN A 169 -6.10 8.84 -24.49
C ASN A 169 -6.11 8.88 -24.49
N GLN A 170 -6.35 8.91 -23.19
CA GLN A 170 -5.29 9.16 -22.22
C GLN A 170 -4.73 7.83 -21.72
N ASN A 171 -3.42 7.68 -21.75
CA ASN A 171 -2.80 6.47 -21.24
C ASN A 171 -3.10 6.34 -19.74
N PRO A 172 -3.37 5.13 -19.26
CA PRO A 172 -3.77 4.96 -17.86
C PRO A 172 -2.63 5.35 -16.92
N PRO A 173 -2.92 6.04 -15.82
CA PRO A 173 -1.89 6.29 -14.81
C PRO A 173 -1.48 4.99 -14.14
N ARG A 174 -0.25 4.99 -13.62
CA ARG A 174 0.29 3.85 -12.89
C ARG A 174 0.54 4.25 -11.45
N CYS A 175 0.45 3.27 -10.56
CA CYS A 175 0.68 3.44 -9.13
C CYS A 175 1.77 2.48 -8.66
N ILE A 176 2.77 3.01 -7.95
CA ILE A 176 3.81 2.19 -7.35
C ILE A 176 3.91 2.57 -5.88
N THR A 177 3.73 1.59 -5.00
CA THR A 177 3.88 1.84 -3.57
C THR A 177 4.99 0.98 -2.99
N PHE A 178 5.56 1.48 -1.89
CA PHE A 178 6.65 0.82 -1.18
C PHE A 178 6.25 0.79 0.30
N GLY A 179 6.06 -0.42 0.83
CA GLY A 179 5.68 -0.56 2.23
C GLY A 179 4.42 0.20 2.62
N SER A 180 3.44 0.22 1.73
CA SER A 180 2.23 1.00 1.98
C SER A 180 1.25 0.23 2.87
N PRO A 181 0.47 0.94 3.67
CA PRO A 181 -0.64 0.28 4.38
C PRO A 181 -1.73 -0.14 3.42
N LEU A 182 -2.55 -1.08 3.88
CA LEU A 182 -3.77 -1.43 3.17
C LEU A 182 -4.73 -0.24 3.19
N VAL A 183 -5.63 -0.20 2.21
CA VAL A 183 -6.49 0.96 1.99
C VAL A 183 -7.97 0.59 1.98
N GLY A 184 -8.33 -0.50 1.29
CA GLY A 184 -9.73 -0.84 1.10
C GLY A 184 -10.05 -2.26 1.55
N ASP A 185 -11.35 -2.56 1.55
CA ASP A 185 -11.86 -3.87 1.96
C ASP A 185 -11.98 -4.78 0.74
N ARG A 186 -12.62 -5.93 0.92
CA ARG A 186 -12.76 -6.88 -0.18
C ARG A 186 -13.61 -6.32 -1.31
N ILE A 187 -14.72 -5.66 -0.97
CA ILE A 187 -15.59 -5.09 -2.00
C ILE A 187 -14.84 -4.03 -2.80
N PHE A 188 -14.14 -3.14 -2.10
CA PHE A 188 -13.24 -2.18 -2.73
C PHE A 188 -12.31 -2.86 -3.74
N GLY A 189 -11.62 -3.90 -3.29
CA GLY A 189 -10.69 -4.60 -4.17
C GLY A 189 -11.39 -5.30 -5.32
N HIS A 190 -12.55 -5.90 -5.05
N HIS A 190 -12.54 -5.91 -5.05
CA HIS A 190 -13.31 -6.56 -6.10
CA HIS A 190 -13.31 -6.56 -6.10
C HIS A 190 -13.75 -5.56 -7.17
C HIS A 190 -13.72 -5.56 -7.17
N ALA A 191 -14.12 -4.35 -6.75
CA ALA A 191 -14.51 -3.32 -7.72
C ALA A 191 -13.34 -2.90 -8.59
N VAL A 192 -12.14 -2.76 -8.01
CA VAL A 192 -10.97 -2.40 -8.80
C VAL A 192 -10.66 -3.48 -9.82
N ARG A 193 -10.72 -4.75 -9.40
CA ARG A 193 -10.52 -5.85 -10.34
C ARG A 193 -11.61 -5.86 -11.42
N ARG A 194 -12.86 -5.66 -11.01
CA ARG A 194 -13.97 -5.67 -11.96
C ARG A 194 -13.78 -4.65 -13.07
N GLU A 195 -13.31 -3.45 -12.73
CA GLU A 195 -13.09 -2.41 -13.73
C GLU A 195 -11.81 -2.61 -14.52
N LYS A 196 -11.09 -3.71 -14.31
CA LYS A 196 -9.84 -4.02 -15.02
C LYS A 196 -8.76 -2.98 -14.72
N TRP A 197 -8.71 -2.52 -13.47
CA TRP A 197 -7.73 -1.54 -13.05
C TRP A 197 -6.65 -2.11 -12.15
N SER A 198 -6.77 -3.38 -11.74
CA SER A 198 -5.90 -3.91 -10.70
C SER A 198 -4.43 -3.93 -11.15
N ASP A 199 -4.19 -4.27 -12.42
CA ASP A 199 -2.82 -4.39 -12.93
C ASP A 199 -2.09 -3.05 -13.01
N HIS A 200 -2.81 -1.92 -12.94
CA HIS A 200 -2.15 -0.63 -12.93
C HIS A 200 -1.39 -0.37 -11.63
N PHE A 201 -1.64 -1.16 -10.59
CA PHE A 201 -1.09 -0.94 -9.25
C PHE A 201 0.02 -1.95 -8.97
N ILE A 202 1.18 -1.45 -8.55
CA ILE A 202 2.32 -2.28 -8.17
C ILE A 202 2.70 -1.92 -6.74
N HIS A 203 2.65 -2.91 -5.84
CA HIS A 203 2.92 -2.70 -4.42
C HIS A 203 4.13 -3.54 -4.03
N PHE A 204 5.24 -2.87 -3.69
CA PHE A 204 6.41 -3.57 -3.17
C PHE A 204 6.28 -3.75 -1.65
N VAL A 205 6.62 -4.94 -1.19
CA VAL A 205 6.52 -5.31 0.23
C VAL A 205 7.78 -6.06 0.62
N MET A 206 8.55 -5.50 1.55
CA MET A 206 9.67 -6.23 2.14
C MET A 206 9.16 -7.29 3.11
N ARG A 207 9.93 -8.39 3.20
CA ARG A 207 9.53 -9.56 3.99
C ARG A 207 9.04 -9.20 5.38
N PHE A 208 9.83 -8.41 6.12
CA PHE A 208 9.57 -8.17 7.53
C PHE A 208 9.11 -6.74 7.80
N ASP A 209 8.60 -6.05 6.78
CA ASP A 209 8.05 -4.71 6.94
C ASP A 209 6.63 -4.83 7.48
N VAL A 210 6.39 -4.30 8.67
CA VAL A 210 5.07 -4.45 9.29
C VAL A 210 4.01 -3.53 8.71
N ILE A 211 4.38 -2.42 8.07
CA ILE A 211 3.38 -1.45 7.64
C ILE A 211 2.40 -2.04 6.63
N PRO A 212 2.83 -2.81 5.63
CA PRO A 212 1.84 -3.50 4.78
C PRO A 212 0.90 -4.43 5.55
N ARG A 213 1.28 -4.87 6.75
CA ARG A 213 0.44 -5.75 7.55
C ARG A 213 -0.35 -5.03 8.65
N ILE A 214 0.05 -3.81 9.03
CA ILE A 214 -0.41 -3.26 10.31
C ILE A 214 -1.92 -3.00 10.29
N MET A 215 -2.51 -2.69 9.15
CA MET A 215 -3.94 -2.42 9.10
C MET A 215 -4.79 -3.68 9.12
N LEU A 216 -4.18 -4.86 9.18
CA LEU A 216 -4.91 -6.10 9.41
C LEU A 216 -5.27 -6.31 10.87
N GLY A 217 -4.84 -5.42 11.76
CA GLY A 217 -5.21 -5.50 13.14
C GLY A 217 -5.84 -4.20 13.62
N PRO A 218 -6.55 -4.25 14.75
CA PRO A 218 -7.15 -3.02 15.27
C PRO A 218 -6.09 -2.02 15.68
N ALA A 219 -6.50 -0.76 15.76
CA ALA A 219 -5.62 0.32 16.18
C ALA A 219 -5.00 -0.02 17.53
N SER A 220 -3.68 -0.13 17.56
CA SER A 220 -2.98 -0.32 18.82
C SER A 220 -3.14 0.91 19.71
N THR A 221 -3.17 0.68 21.02
CA THR A 221 -3.15 1.80 21.96
C THR A 221 -1.85 2.58 21.87
N GLU A 222 -0.81 2.00 21.26
CA GLU A 222 0.47 2.66 21.06
C GLU A 222 0.77 2.91 19.59
N HIS A 223 -0.26 3.14 18.77
CA HIS A 223 -0.04 3.31 17.34
C HIS A 223 0.85 4.51 17.05
N GLN A 224 0.65 5.61 17.80
CA GLN A 224 1.48 6.79 17.62
C GLN A 224 2.95 6.49 17.89
N GLN A 225 3.22 5.67 18.92
CA GLN A 225 4.60 5.26 19.21
C GLN A 225 5.15 4.36 18.11
N ILE A 226 4.29 3.56 17.47
CA ILE A 226 4.74 2.78 16.32
C ILE A 226 5.13 3.70 15.18
N LEU A 227 4.29 4.70 14.91
CA LEU A 227 4.57 5.66 13.84
C LEU A 227 5.85 6.45 14.12
N ASN A 228 6.05 6.87 15.37
CA ASN A 228 7.28 7.59 15.72
C ASN A 228 8.52 6.74 15.42
N PHE A 229 8.45 5.45 15.71
CA PHE A 229 9.58 4.56 15.45
C PHE A 229 9.86 4.42 13.97
N PHE A 230 8.82 4.35 13.14
CA PHE A 230 8.98 4.20 11.70
C PHE A 230 9.07 5.53 10.94
N ASN A 231 8.93 6.65 11.63
CA ASN A 231 9.10 7.96 10.99
C ASN A 231 10.56 8.15 10.60
N PRO A 232 10.87 8.39 9.33
CA PRO A 232 12.29 8.59 8.95
C PRO A 232 12.99 9.73 9.68
N ARG A 233 12.26 10.78 10.06
CA ARG A 233 12.90 11.88 10.78
C ARG A 233 13.46 11.42 12.13
N SER A 234 12.93 10.32 12.68
CA SER A 234 13.42 9.80 13.96
C SER A 234 14.84 9.25 13.85
N GLN A 235 15.31 8.95 12.64
CA GLN A 235 16.66 8.43 12.47
C GLN A 235 17.72 9.44 12.87
N PHE A 236 17.41 10.73 12.80
CA PHE A 236 18.37 11.78 13.12
C PHE A 236 18.39 12.13 14.60
N TYR A 237 17.55 11.51 15.42
CA TYR A 237 17.49 11.84 16.83
C TYR A 237 18.76 11.38 17.54
N ARG A 238 19.25 12.24 18.45
CA ARG A 238 20.39 11.86 19.28
C ARG A 238 20.06 10.62 20.11
N GLU A 239 18.96 10.65 20.85
CA GLU A 239 18.56 9.43 21.54
C GLU A 239 17.73 8.55 20.62
N PRO A 240 17.93 7.23 20.65
CA PRO A 240 17.12 6.34 19.81
C PRO A 240 15.74 6.15 20.42
N LEU A 241 14.71 6.25 19.59
CA LEU A 241 13.35 6.01 20.07
C LEU A 241 13.15 4.52 20.30
N ASP A 242 12.51 4.19 21.42
CA ASP A 242 12.32 2.76 21.63
C ASP A 242 11.00 2.31 21.01
N PRO A 243 10.98 1.14 20.38
CA PRO A 243 9.73 0.62 19.83
C PRO A 243 8.86 0.06 20.94
N PRO A 244 7.54 0.11 20.80
CA PRO A 244 6.68 -0.47 21.81
C PRO A 244 6.87 -1.99 21.87
N LEU A 245 6.90 -2.51 23.09
CA LEU A 245 7.25 -3.92 23.29
C LEU A 245 6.27 -4.85 22.58
N GLY A 246 6.83 -5.78 21.80
CA GLY A 246 6.03 -6.81 21.17
C GLY A 246 5.16 -6.35 20.02
N PHE A 247 5.46 -5.20 19.42
CA PHE A 247 4.57 -4.67 18.37
C PHE A 247 4.56 -5.58 17.15
N TYR A 248 5.68 -6.21 16.82
CA TYR A 248 5.75 -7.03 15.61
C TYR A 248 4.81 -8.22 15.71
N LEU A 249 5.00 -9.05 16.74
CA LEU A 249 4.18 -10.25 16.89
C LEU A 249 2.72 -9.91 17.09
N ASN A 250 2.42 -8.77 17.74
CA ASN A 250 1.03 -8.34 17.83
C ASN A 250 0.45 -8.08 16.45
N VAL A 251 1.25 -7.50 15.54
CA VAL A 251 0.79 -7.30 14.17
C VAL A 251 0.60 -8.63 13.45
N MET A 252 1.56 -9.54 13.60
CA MET A 252 1.48 -10.80 12.87
C MET A 252 0.36 -11.69 13.38
N ARG A 253 0.03 -11.62 14.68
CA ARG A 253 -1.12 -12.36 15.18
C ARG A 253 -2.40 -11.95 14.47
N SER A 254 -2.56 -10.63 14.24
CA SER A 254 -3.76 -10.16 13.55
C SER A 254 -3.74 -10.55 12.08
N ALA A 255 -2.56 -10.46 11.43
CA ALA A 255 -2.45 -10.87 10.04
C ALA A 255 -2.86 -12.33 9.87
N SER A 256 -2.40 -13.21 10.77
CA SER A 256 -2.77 -14.61 10.66
C SER A 256 -4.27 -14.81 10.93
N SER A 257 -4.82 -14.05 11.88
CA SER A 257 -6.25 -14.13 12.16
C SER A 257 -7.09 -13.84 10.93
N VAL A 258 -6.73 -12.79 10.19
CA VAL A 258 -7.53 -12.39 9.02
C VAL A 258 -7.31 -13.36 7.87
N ALA A 259 -6.08 -13.83 7.67
CA ALA A 259 -5.81 -14.82 6.63
C ALA A 259 -6.60 -16.10 6.88
N ILE A 260 -6.61 -16.57 8.13
CA ILE A 260 -7.28 -17.85 8.40
C ILE A 260 -8.79 -17.67 8.37
N HIS A 261 -9.28 -16.47 8.72
CA HIS A 261 -10.70 -16.17 8.56
C HIS A 261 -11.12 -16.33 7.11
N ASP A 262 -10.37 -15.72 6.18
CA ASP A 262 -10.75 -15.81 4.78
C ASP A 262 -10.59 -17.23 4.24
N ALA A 263 -9.61 -17.98 4.74
CA ALA A 263 -9.51 -19.39 4.38
C ALA A 263 -10.76 -20.16 4.79
N CYS A 264 -11.27 -19.90 5.99
CA CYS A 264 -12.49 -20.55 6.44
C CYS A 264 -13.68 -20.17 5.56
N ILE A 265 -13.78 -18.89 5.19
CA ILE A 265 -14.84 -18.45 4.28
C ILE A 265 -14.76 -19.21 2.96
N LEU A 266 -13.56 -19.28 2.38
CA LEU A 266 -13.36 -19.99 1.12
C LEU A 266 -13.62 -21.49 1.23
N MET A 267 -13.70 -22.04 2.45
CA MET A 267 -13.99 -23.45 2.64
C MET A 267 -15.46 -23.72 2.98
N GLY A 268 -16.29 -22.68 3.04
CA GLY A 268 -17.71 -22.85 3.27
C GLY A 268 -18.22 -22.40 4.62
N CYS A 269 -17.35 -21.96 5.52
CA CYS A 269 -17.83 -21.48 6.81
C CYS A 269 -18.57 -20.15 6.63
N THR A 270 -19.63 -19.97 7.42
CA THR A 270 -20.43 -18.76 7.34
C THR A 270 -19.94 -17.73 8.36
N ASN A 271 -20.26 -16.46 8.07
CA ASN A 271 -19.86 -15.38 8.98
C ASN A 271 -20.42 -15.53 10.38
N PRO A 272 -21.72 -15.79 10.59
CA PRO A 272 -22.20 -15.98 11.97
C PRO A 272 -21.48 -17.08 12.72
N LEU A 273 -21.24 -18.22 12.06
CA LEU A 273 -20.54 -19.32 12.71
C LEU A 273 -19.13 -18.90 13.13
N LEU A 274 -18.39 -18.28 12.22
CA LEU A 274 -17.03 -17.85 12.54
C LEU A 274 -17.03 -16.83 13.69
N GLU A 275 -18.04 -15.97 13.76
CA GLU A 275 -18.11 -15.03 14.87
C GLU A 275 -18.23 -15.75 16.19
N THR A 276 -19.02 -16.82 16.25
CA THR A 276 -19.12 -17.60 17.47
C THR A 276 -17.81 -18.30 17.79
N LEU A 277 -17.12 -18.82 16.77
CA LEU A 277 -15.88 -19.55 17.00
C LEU A 277 -14.80 -18.66 17.61
N ARG A 278 -14.69 -17.42 17.15
CA ARG A 278 -13.72 -16.49 17.72
C ARG A 278 -14.28 -15.67 18.85
N ASN A 279 -15.49 -15.99 19.32
CA ASN A 279 -16.14 -15.31 20.44
C ASN A 279 -16.41 -13.83 20.12
N PHE A 280 -16.85 -13.58 18.88
CA PHE A 280 -17.47 -12.31 18.49
C PHE A 280 -16.51 -11.11 18.55
N THR A 281 -15.22 -11.34 18.38
CA THR A 281 -14.29 -10.22 18.30
C THR A 281 -14.35 -9.60 16.91
N GLU A 282 -13.91 -8.34 16.81
CA GLU A 282 -13.93 -7.61 15.56
C GLU A 282 -12.66 -7.87 14.78
N LEU A 283 -12.81 -8.24 13.50
CA LEU A 283 -11.70 -8.48 12.60
C LEU A 283 -11.60 -7.34 11.58
N SER A 284 -10.38 -7.05 11.16
CA SER A 284 -10.13 -5.94 10.25
C SER A 284 -10.80 -6.19 8.91
N PRO A 285 -11.39 -5.16 8.28
CA PRO A 285 -11.99 -5.33 6.96
C PRO A 285 -11.03 -5.17 5.80
N TYR A 286 -9.84 -4.64 6.02
CA TYR A 286 -8.95 -4.26 4.92
C TYR A 286 -8.32 -5.48 4.27
N ARG A 287 -8.14 -5.41 2.95
CA ARG A 287 -7.63 -6.52 2.16
C ARG A 287 -6.74 -5.97 1.05
N PRO A 288 -5.74 -6.76 0.62
CA PRO A 288 -4.87 -6.31 -0.46
C PRO A 288 -5.57 -6.33 -1.81
N PHE A 289 -5.12 -5.45 -2.69
CA PHE A 289 -5.55 -5.46 -4.09
C PHE A 289 -4.38 -4.97 -4.94
N GLY A 290 -4.42 -5.31 -6.22
CA GLY A 290 -3.36 -4.95 -7.14
C GLY A 290 -2.26 -5.99 -7.20
N THR A 291 -1.27 -5.69 -8.04
CA THR A 291 -0.12 -6.59 -8.19
C THR A 291 0.87 -6.35 -7.06
N TYR A 292 1.19 -7.42 -6.32
CA TYR A 292 2.14 -7.37 -5.23
C TYR A 292 3.47 -7.96 -5.64
N ILE A 293 4.55 -7.35 -5.16
CA ILE A 293 5.90 -7.82 -5.41
C ILE A 293 6.60 -7.92 -4.06
N PHE A 294 6.81 -9.14 -3.58
CA PHE A 294 7.47 -9.35 -2.31
C PHE A 294 8.97 -9.47 -2.48
N CYS A 295 9.72 -8.70 -1.70
CA CYS A 295 11.18 -8.78 -1.70
C CYS A 295 11.56 -9.78 -0.61
N THR A 296 11.91 -11.00 -1.03
CA THR A 296 12.05 -12.12 -0.11
C THR A 296 13.47 -12.37 0.35
N GLY A 297 14.43 -11.55 -0.07
CA GLY A 297 15.80 -11.69 0.37
C GLY A 297 16.69 -12.30 -0.69
N ASN A 298 17.99 -12.02 -0.57
CA ASN A 298 18.99 -12.45 -1.55
C ASN A 298 18.65 -11.96 -2.96
N GLY A 299 18.09 -10.75 -3.03
CA GLY A 299 17.75 -10.16 -4.31
C GLY A 299 16.65 -10.86 -5.07
N LYS A 300 15.80 -11.64 -4.39
CA LYS A 300 14.71 -12.34 -5.04
C LYS A 300 13.43 -11.54 -4.95
N LEU A 301 12.62 -11.61 -6.02
CA LEU A 301 11.32 -10.96 -6.07
C LEU A 301 10.26 -11.99 -6.43
N VAL A 302 9.12 -11.93 -5.73
CA VAL A 302 8.00 -12.82 -5.96
C VAL A 302 6.77 -11.99 -6.30
N VAL A 303 6.28 -12.14 -7.53
CA VAL A 303 5.19 -11.34 -8.08
C VAL A 303 3.92 -12.18 -8.10
N LEU A 304 2.82 -11.62 -7.60
CA LEU A 304 1.54 -12.31 -7.64
C LEU A 304 0.40 -11.30 -7.66
N LYS A 305 -0.72 -11.71 -8.26
CA LYS A 305 -1.88 -10.85 -8.42
C LYS A 305 -3.13 -11.34 -7.68
N ASN A 306 -3.20 -12.63 -7.36
CA ASN A 306 -4.38 -13.16 -6.66
C ASN A 306 -4.48 -12.55 -5.27
N PRO A 307 -5.54 -11.78 -4.98
CA PRO A 307 -5.61 -11.12 -3.68
C PRO A 307 -5.73 -12.08 -2.52
N ASP A 308 -6.37 -13.24 -2.71
CA ASP A 308 -6.46 -14.22 -1.63
C ASP A 308 -5.08 -14.78 -1.29
N ALA A 309 -4.26 -15.04 -2.32
CA ALA A 309 -2.91 -15.52 -2.07
C ALA A 309 -2.04 -14.44 -1.43
N VAL A 310 -2.26 -13.16 -1.79
CA VAL A 310 -1.46 -12.09 -1.19
C VAL A 310 -1.71 -12.01 0.31
N LEU A 311 -2.97 -12.14 0.72
CA LEU A 311 -3.28 -12.08 2.15
C LEU A 311 -2.56 -13.20 2.91
N GLN A 312 -2.61 -14.42 2.38
CA GLN A 312 -1.90 -15.52 3.00
C GLN A 312 -0.40 -15.26 3.07
N ILE A 313 0.19 -14.77 1.97
CA ILE A 313 1.62 -14.58 1.91
C ILE A 313 2.09 -13.39 2.75
N LEU A 314 1.21 -12.41 2.99
CA LEU A 314 1.58 -11.32 3.90
C LEU A 314 2.01 -11.85 5.25
N PHE A 315 1.35 -12.90 5.74
CA PHE A 315 1.80 -13.55 6.95
C PHE A 315 2.91 -14.56 6.67
N TYR A 316 2.75 -15.36 5.62
CA TYR A 316 3.56 -16.57 5.46
C TYR A 316 5.04 -16.25 5.34
N CYS A 317 5.39 -15.21 4.60
CA CYS A 317 6.80 -14.90 4.37
C CYS A 317 7.43 -14.06 5.48
N ALA A 318 6.65 -13.64 6.48
CA ALA A 318 7.14 -12.75 7.53
C ALA A 318 7.33 -13.46 8.87
N GLN A 319 7.33 -14.79 8.88
CA GLN A 319 7.53 -15.53 10.12
C GLN A 319 8.99 -15.46 10.56
N LEU A 320 9.19 -15.53 11.86
CA LEU A 320 10.51 -15.31 12.46
C LEU A 320 11.10 -16.60 13.01
N SER A 321 12.42 -16.69 12.96
CA SER A 321 13.19 -17.79 13.50
C SER A 321 13.90 -17.32 14.78
N GLN A 322 14.75 -18.19 15.33
CA GLN A 322 15.59 -17.89 16.50
C GLN A 322 14.69 -17.30 17.59
N GLU A 323 15.06 -16.18 18.21
CA GLU A 323 14.18 -15.46 19.11
C GLU A 323 13.62 -14.21 18.43
N GLU A 324 14.51 -13.33 17.96
CA GLU A 324 14.11 -12.06 17.35
C GLU A 324 13.22 -11.25 18.29
N ALA A 325 13.53 -11.33 19.59
CA ALA A 325 12.80 -10.54 20.57
C ALA A 325 13.32 -9.12 20.62
N ALA A 326 14.64 -8.95 20.76
CA ALA A 326 15.28 -7.65 20.71
C ALA A 326 15.96 -7.39 19.37
N GLU A 327 15.52 -8.07 18.32
CA GLU A 327 16.12 -7.95 16.98
C GLU A 327 15.13 -7.55 15.91
N ILE A 328 13.89 -8.03 15.97
CA ILE A 328 12.96 -7.81 14.87
C ILE A 328 12.56 -6.34 14.79
N ALA A 329 12.57 -5.62 15.91
CA ALA A 329 12.20 -4.20 15.89
C ALA A 329 13.12 -3.43 14.96
N GLN A 330 14.43 -3.51 15.20
CA GLN A 330 15.39 -2.85 14.33
C GLN A 330 15.35 -3.43 12.91
N ARG A 331 15.10 -4.73 12.78
CA ARG A 331 15.08 -5.35 11.47
C ARG A 331 13.87 -4.89 10.66
N SER A 332 12.69 -4.81 11.29
CA SER A 332 11.52 -4.38 10.56
C SER A 332 11.65 -2.93 10.12
N LEU A 333 12.21 -2.09 10.98
CA LEU A 333 12.43 -0.69 10.63
C LEU A 333 13.41 -0.56 9.46
N HIS A 334 14.52 -1.31 9.51
CA HIS A 334 15.47 -1.25 8.42
C HIS A 334 14.83 -1.65 7.09
N GLU A 335 14.03 -2.71 7.10
CA GLU A 335 13.41 -3.16 5.85
C GLU A 335 12.39 -2.15 5.34
N HIS A 336 11.60 -1.54 6.24
CA HIS A 336 10.65 -0.52 5.81
C HIS A 336 11.33 0.66 5.14
N LEU A 337 12.58 0.95 5.51
CA LEU A 337 13.29 2.12 5.00
C LEU A 337 14.32 1.79 3.93
N ALA A 338 14.38 0.54 3.45
CA ALA A 338 15.44 0.10 2.56
C ALA A 338 14.93 -0.27 1.17
N TYR A 339 13.76 0.24 0.77
CA TYR A 339 13.23 -0.09 -0.55
C TYR A 339 14.14 0.42 -1.66
N GLU A 340 14.74 1.60 -1.48
N GLU A 340 14.74 1.60 -1.48
CA GLU A 340 15.64 2.15 -2.49
CA GLU A 340 15.64 2.15 -2.49
C GLU A 340 16.78 1.20 -2.79
C GLU A 340 16.79 1.21 -2.79
N ASN A 341 17.56 0.83 -1.77
CA ASN A 341 18.72 -0.02 -1.98
C ASN A 341 18.32 -1.41 -2.45
N GLU A 342 17.24 -1.96 -1.90
CA GLU A 342 16.81 -3.30 -2.27
C GLU A 342 16.45 -3.37 -3.74
N LEU A 343 15.70 -2.39 -4.24
CA LEU A 343 15.27 -2.43 -5.63
C LEU A 343 16.39 -2.07 -6.59
N GLN A 344 17.32 -1.19 -6.19
CA GLN A 344 18.49 -0.95 -7.03
C GLN A 344 19.21 -2.26 -7.33
N GLU A 345 19.38 -3.12 -6.31
CA GLU A 345 20.08 -4.38 -6.50
C GLU A 345 19.19 -5.43 -7.16
N SER A 346 17.94 -5.58 -6.70
CA SER A 346 17.08 -6.63 -7.21
C SER A 346 16.57 -6.38 -8.63
N LEU A 347 16.53 -5.13 -9.07
CA LEU A 347 16.10 -4.83 -10.44
C LEU A 347 17.26 -4.82 -11.43
N GLY A 348 18.48 -4.51 -10.97
CA GLY A 348 19.62 -4.53 -11.86
C GLY A 348 20.07 -5.94 -12.20
N MET A 349 19.97 -6.85 -11.25
CA MET A 349 20.30 -8.27 -11.43
C MET A 349 19.10 -9.06 -10.93
N GLN A 350 18.28 -9.57 -11.85
CA GLN A 350 16.94 -10.00 -11.51
C GLN A 350 16.85 -11.50 -11.29
N ASN A 351 16.11 -11.88 -10.25
CA ASN A 351 15.75 -13.26 -9.93
C ASN A 351 14.28 -13.20 -9.51
N VAL A 352 13.38 -13.30 -10.48
CA VAL A 352 11.96 -13.02 -10.30
C VAL A 352 11.16 -14.27 -10.59
N VAL A 353 10.18 -14.57 -9.74
CA VAL A 353 9.25 -15.66 -9.98
C VAL A 353 7.83 -15.10 -9.98
N TYR A 354 7.00 -15.62 -10.88
CA TYR A 354 5.62 -15.19 -11.05
C TYR A 354 4.68 -16.32 -10.67
N LEU A 355 3.75 -16.05 -9.76
CA LEU A 355 2.88 -17.11 -9.25
C LEU A 355 1.64 -17.31 -10.10
N ASP A 356 1.11 -16.26 -10.71
CA ASP A 356 -0.09 -16.34 -11.54
C ASP A 356 0.18 -15.72 -12.91
N SER A 357 1.22 -16.21 -13.58
CA SER A 357 1.60 -15.71 -14.89
C SER A 357 2.40 -16.76 -15.66
C1 EDO B . 15.56 -8.73 2.82
O1 EDO B . 15.58 -8.33 1.45
C2 EDO B . 14.25 -9.44 3.11
O2 EDO B . 13.15 -8.59 2.77
C1 EDO C . -2.40 -2.33 -1.67
O1 EDO C . -3.45 -3.21 -1.25
C2 EDO C . -1.90 -1.54 -0.46
O2 EDO C . -2.95 -0.68 -0.01
C1 EDO D . 0.03 23.71 5.03
O1 EDO D . 0.73 24.89 5.45
C2 EDO D . 1.03 22.61 4.72
O2 EDO D . 0.30 21.40 4.47
C1 EDO E . 17.98 17.34 15.52
O1 EDO E . 16.60 17.63 15.76
C2 EDO E . 18.26 15.88 15.85
O2 EDO E . 17.92 15.63 17.22
C1 EDO F . -18.81 -2.35 15.15
O1 EDO F . -19.38 -1.53 14.13
C2 EDO F . -19.53 -3.70 15.15
O2 EDO F . -19.50 -4.24 13.82
C1 EDO G . -5.77 4.71 -25.89
O1 EDO G . -7.14 4.57 -25.50
C2 EDO G . -4.88 4.32 -24.71
O2 EDO G . -5.23 5.10 -23.56
C1 EDO H . 13.11 15.82 3.16
O1 EDO H . 12.55 16.35 1.97
C2 EDO H . 13.74 14.46 2.87
O2 EDO H . 12.74 13.44 2.87
C1 EDO I . -6.39 11.06 -16.73
O1 EDO I . -5.79 10.24 -15.71
C2 EDO I . -7.09 12.26 -16.12
O2 EDO I . -8.24 11.86 -15.36
#